data_1GTS
#
_entry.id   1GTS
#
_cell.length_a   242.840
_cell.length_b   93.590
_cell.length_c   115.710
_cell.angle_alpha   90.00
_cell.angle_beta   90.00
_cell.angle_gamma   90.00
#
_symmetry.space_group_name_H-M   'C 2 2 21'
#
loop_
_entity.id
_entity.type
_entity.pdbx_description
1 polymer TRNAGLN
2 polymer 'PROTEIN (GLUTAMINYL-TRNA SYNTHETASE (E.C.6.1.1.18))'
3 non-polymer 'ADENOSINE MONOPHOSPHATE'
4 water water
#
loop_
_entity_poly.entity_id
_entity_poly.type
_entity_poly.pdbx_seq_one_letter_code
_entity_poly.pdbx_strand_id
1 'polyribonucleotide' GGGGUAUCGCCAAGCGGUAAGGCACCGGAUUCUGAUUCCGGCAUUCCGAGGUUCGAAUCCUCGUACCCCAGCCA B
2 'polypeptide(L)'
;SEAEARPTNFIRQIIDEDLASGKHTTVHTRFPPEPNGYLHIGHAKSICLNFGIAQDYKGQCNLRFDDTNPVKEDIEYVES
IKNDVEWLGFHWSGNVRYSSDYFDQLHAYAIELINKGLAYVDELTPEQIREYRGTLTQPGKNSPYRDRSVEENLALFEKM
RAGGFEEGKACLRAKIDMASPFIVMRDPVLYRIKFAEHHQTGNKWCIYPMYDFTHCISDALEGITHSLCTLEFQDNRRLY
DWVLDNITIPVHPRQYEFSRLNLEYTVMSKRKLNLLVTDKHVEGWDDPRMPTISGLRRRGYTAASIREFCKRIGVTKQDN
TIEMASLESCIREDLNENAPRAMAVIDPVKLVIENYQGEGEMVTMPNHPNKPEMGSRQVPFSGEIWIDRADFREEANKQY
KRLVLGKEVRLRNAYVIKAERVEKDAEGNITTIFCTYDADTLSKDPADGRKVKGVIHWVSAAHALPVEIRLYDRLFSVPN
PGAADDFLSVINPESLVIKQGFAEPSLKDAVAGKAFQFEREGYFCLDSRHSTAEKPVFNRTVGLRDTWAKVGE
;
A
#
# COMPACT_ATOMS: atom_id res chain seq x y z
N THR B 8 -0.64 -19.07 13.84
CA THR B 8 -2.05 -19.40 13.74
C THR B 8 -2.85 -18.21 14.21
N ASN B 9 -4.10 -18.15 13.80
CA ASN B 9 -5.00 -17.11 14.23
C ASN B 9 -6.40 -17.70 14.26
N PHE B 10 -7.42 -16.91 14.60
CA PHE B 10 -8.75 -17.48 14.78
C PHE B 10 -9.30 -18.05 13.51
N ILE B 11 -9.00 -17.43 12.38
CA ILE B 11 -9.54 -17.90 11.12
C ILE B 11 -8.95 -19.25 10.78
N ARG B 12 -7.63 -19.43 10.96
CA ARG B 12 -7.03 -20.72 10.66
C ARG B 12 -7.50 -21.77 11.63
N GLN B 13 -7.88 -21.42 12.85
CA GLN B 13 -8.38 -22.46 13.73
C GLN B 13 -9.75 -22.93 13.27
N ILE B 14 -10.56 -22.01 12.75
CA ILE B 14 -11.83 -22.36 12.13
C ILE B 14 -11.58 -23.30 10.96
N ILE B 15 -10.65 -22.97 10.08
CA ILE B 15 -10.37 -23.80 8.93
C ILE B 15 -9.86 -25.16 9.35
N ASP B 16 -9.05 -25.29 10.40
CA ASP B 16 -8.62 -26.61 10.83
C ASP B 16 -9.81 -27.38 11.38
N GLU B 17 -10.74 -26.72 12.09
CA GLU B 17 -11.94 -27.38 12.58
C GLU B 17 -12.70 -27.89 11.37
N ASP B 18 -12.92 -27.02 10.38
CA ASP B 18 -13.73 -27.38 9.23
C ASP B 18 -13.17 -28.59 8.50
N LEU B 19 -11.85 -28.64 8.35
CA LEU B 19 -11.24 -29.76 7.67
C LEU B 19 -11.44 -31.00 8.50
N ALA B 20 -11.13 -30.87 9.78
CA ALA B 20 -11.20 -31.99 10.74
C ALA B 20 -12.57 -32.60 10.85
N SER B 21 -13.61 -31.78 10.85
CA SER B 21 -14.95 -32.28 10.98
C SER B 21 -15.43 -32.90 9.70
N GLY B 22 -14.73 -32.65 8.60
CA GLY B 22 -15.20 -33.13 7.33
C GLY B 22 -16.23 -32.14 6.81
N LYS B 23 -16.24 -30.90 7.30
CA LYS B 23 -17.13 -29.90 6.71
C LYS B 23 -16.61 -29.55 5.32
N HIS B 24 -15.30 -29.57 5.11
CA HIS B 24 -14.74 -29.24 3.81
C HIS B 24 -13.62 -30.19 3.50
N THR B 25 -13.17 -30.22 2.26
CA THR B 25 -12.07 -31.06 1.86
C THR B 25 -10.96 -30.21 1.29
N THR B 26 -11.31 -29.03 0.78
CA THR B 26 -10.37 -28.07 0.19
C THR B 26 -10.78 -26.70 0.68
N VAL B 27 -9.86 -25.74 0.85
CA VAL B 27 -10.33 -24.41 1.22
C VAL B 27 -10.29 -23.55 -0.04
N HIS B 28 -11.24 -22.66 -0.23
CA HIS B 28 -11.21 -21.77 -1.34
C HIS B 28 -11.60 -20.40 -0.81
N THR B 29 -10.61 -19.48 -0.79
CA THR B 29 -10.71 -18.12 -0.30
C THR B 29 -10.74 -17.21 -1.53
N ARG B 30 -10.75 -15.88 -1.39
CA ARG B 30 -10.76 -14.98 -2.53
C ARG B 30 -10.39 -13.57 -2.10
N PHE B 31 -9.79 -12.74 -2.97
CA PHE B 31 -9.48 -11.37 -2.60
C PHE B 31 -10.30 -10.60 -3.59
N PRO B 32 -11.26 -9.77 -3.14
CA PRO B 32 -12.12 -9.05 -4.07
C PRO B 32 -12.04 -7.52 -4.03
N PRO B 33 -10.96 -6.97 -4.57
CA PRO B 33 -10.84 -5.53 -4.56
C PRO B 33 -11.80 -4.88 -5.56
N GLU B 34 -12.40 -3.76 -5.16
CA GLU B 34 -13.15 -3.01 -6.13
C GLU B 34 -12.11 -2.21 -6.92
N PRO B 35 -12.15 -2.17 -8.27
CA PRO B 35 -11.16 -1.39 -9.01
C PRO B 35 -11.41 0.12 -9.00
N ASN B 36 -11.45 0.79 -7.82
CA ASN B 36 -11.62 2.25 -7.80
C ASN B 36 -10.40 2.97 -7.20
N GLY B 37 -9.23 2.38 -7.27
CA GLY B 37 -8.05 3.02 -6.74
C GLY B 37 -6.92 2.03 -6.66
N TYR B 38 -5.73 2.48 -6.29
CA TYR B 38 -4.64 1.54 -6.25
C TYR B 38 -4.69 0.85 -4.92
N LEU B 39 -4.13 -0.36 -4.89
CA LEU B 39 -4.04 -1.13 -3.67
C LEU B 39 -3.15 -0.41 -2.66
N HIS B 40 -3.23 -0.79 -1.39
CA HIS B 40 -2.52 -0.09 -0.32
C HIS B 40 -2.14 -1.08 0.73
N ILE B 41 -1.22 -0.79 1.64
CA ILE B 41 -0.78 -1.74 2.64
C ILE B 41 -1.90 -2.46 3.45
N GLY B 42 -3.05 -1.82 3.71
CA GLY B 42 -4.20 -2.52 4.30
C GLY B 42 -4.61 -3.72 3.42
N HIS B 43 -4.76 -3.47 2.12
CA HIS B 43 -5.12 -4.50 1.16
C HIS B 43 -4.11 -5.63 1.20
N ALA B 44 -2.82 -5.31 1.35
CA ALA B 44 -1.79 -6.31 1.40
C ALA B 44 -2.01 -7.23 2.59
N LYS B 45 -2.65 -6.76 3.68
CA LYS B 45 -2.95 -7.64 4.81
C LYS B 45 -3.97 -8.68 4.37
N SER B 46 -4.98 -8.25 3.60
CA SER B 46 -5.98 -9.14 3.06
C SER B 46 -5.37 -10.09 2.04
N ILE B 47 -4.50 -9.61 1.14
CA ILE B 47 -3.83 -10.47 0.18
C ILE B 47 -3.03 -11.54 0.93
N CYS B 48 -2.16 -11.19 1.87
CA CYS B 48 -1.44 -12.21 2.59
C CYS B 48 -2.38 -13.20 3.22
N LEU B 49 -3.50 -12.75 3.82
CA LEU B 49 -4.41 -13.66 4.54
C LEU B 49 -5.04 -14.64 3.57
N ASN B 50 -5.66 -14.12 2.53
CA ASN B 50 -6.40 -14.94 1.61
C ASN B 50 -5.52 -15.82 0.77
N PHE B 51 -4.49 -15.28 0.13
CA PHE B 51 -3.61 -16.11 -0.67
C PHE B 51 -2.68 -16.97 0.18
N GLY B 52 -2.35 -16.55 1.38
CA GLY B 52 -1.49 -17.35 2.24
C GLY B 52 -2.20 -18.60 2.73
N ILE B 53 -3.47 -18.49 3.14
CA ILE B 53 -4.25 -19.67 3.55
C ILE B 53 -4.36 -20.65 2.42
N ALA B 54 -4.70 -20.16 1.22
CA ALA B 54 -4.79 -20.98 0.03
C ALA B 54 -3.53 -21.79 -0.13
N GLN B 55 -2.34 -21.20 -0.28
CA GLN B 55 -1.16 -22.04 -0.41
C GLN B 55 -0.81 -22.85 0.82
N ASP B 56 -1.10 -22.43 2.04
CA ASP B 56 -0.79 -23.28 3.16
C ASP B 56 -1.67 -24.51 3.18
N TYR B 57 -2.91 -24.37 2.76
CA TYR B 57 -3.81 -25.48 2.84
C TYR B 57 -3.91 -26.19 1.53
N LYS B 58 -3.02 -25.88 0.59
CA LYS B 58 -3.08 -26.44 -0.74
C LYS B 58 -4.49 -26.28 -1.31
N GLY B 59 -5.05 -25.09 -1.15
CA GLY B 59 -6.39 -24.77 -1.60
C GLY B 59 -6.29 -23.77 -2.75
N GLN B 60 -7.40 -23.13 -3.08
CA GLN B 60 -7.40 -22.17 -4.17
C GLN B 60 -7.76 -20.81 -3.62
N CYS B 61 -7.44 -19.73 -4.34
CA CYS B 61 -7.75 -18.37 -3.91
C CYS B 61 -8.06 -17.62 -5.18
N ASN B 62 -9.19 -16.94 -5.28
CA ASN B 62 -9.53 -16.31 -6.54
C ASN B 62 -9.28 -14.82 -6.49
N LEU B 63 -9.01 -14.16 -7.63
CA LEU B 63 -8.94 -12.73 -7.63
C LEU B 63 -10.24 -12.33 -8.28
N ARG B 64 -11.11 -11.59 -7.62
CA ARG B 64 -12.33 -11.22 -8.24
C ARG B 64 -12.41 -9.70 -8.22
N PHE B 65 -12.56 -9.02 -9.34
CA PHE B 65 -12.73 -7.60 -9.26
C PHE B 65 -14.17 -7.35 -8.89
N ASP B 66 -14.41 -6.73 -7.74
CA ASP B 66 -15.76 -6.44 -7.30
C ASP B 66 -16.25 -5.19 -7.99
N ASP B 67 -16.49 -5.29 -9.28
CA ASP B 67 -16.89 -4.16 -10.08
C ASP B 67 -18.39 -3.92 -10.29
N THR B 68 -19.08 -3.63 -9.20
CA THR B 68 -20.52 -3.38 -9.24
C THR B 68 -20.86 -1.91 -9.46
N ASN B 69 -19.94 -0.99 -9.21
CA ASN B 69 -20.26 0.42 -9.31
C ASN B 69 -19.46 1.12 -10.40
N PRO B 70 -19.93 1.09 -11.65
CA PRO B 70 -19.23 1.74 -12.77
C PRO B 70 -18.72 3.18 -12.60
N VAL B 71 -19.45 4.09 -11.94
CA VAL B 71 -19.04 5.49 -11.91
C VAL B 71 -17.83 5.77 -11.03
N LYS B 72 -17.34 4.76 -10.32
CA LYS B 72 -16.18 4.97 -9.49
C LYS B 72 -15.01 4.11 -9.93
N GLU B 73 -15.15 3.29 -10.96
CA GLU B 73 -14.09 2.33 -11.25
C GLU B 73 -13.51 2.62 -12.61
N ASP B 74 -12.27 2.22 -12.82
CA ASP B 74 -11.67 2.49 -14.11
C ASP B 74 -10.75 1.35 -14.49
N ILE B 75 -10.51 1.14 -15.78
CA ILE B 75 -9.66 0.02 -16.19
C ILE B 75 -8.20 0.17 -15.75
N GLU B 76 -7.72 1.42 -15.57
CA GLU B 76 -6.38 1.66 -15.04
C GLU B 76 -6.13 0.92 -13.73
N TYR B 77 -7.15 0.79 -12.89
CA TYR B 77 -6.93 0.13 -11.64
C TYR B 77 -6.99 -1.38 -11.78
N VAL B 78 -7.66 -1.98 -12.79
CA VAL B 78 -7.72 -3.43 -12.79
C VAL B 78 -6.34 -3.99 -13.11
N GLU B 79 -5.66 -3.35 -14.08
CA GLU B 79 -4.32 -3.75 -14.46
C GLU B 79 -3.30 -3.44 -13.41
N SER B 80 -3.44 -2.39 -12.60
CA SER B 80 -2.47 -2.15 -11.52
C SER B 80 -2.64 -3.12 -10.39
N ILE B 81 -3.89 -3.45 -10.02
CA ILE B 81 -4.16 -4.45 -8.99
C ILE B 81 -3.60 -5.81 -9.36
N LYS B 82 -3.76 -6.31 -10.60
CA LYS B 82 -3.17 -7.61 -10.97
C LYS B 82 -1.66 -7.58 -10.74
N ASN B 83 -1.08 -6.46 -11.20
CA ASN B 83 0.32 -6.11 -11.12
C ASN B 83 0.82 -6.11 -9.68
N ASP B 84 0.14 -5.44 -8.74
CA ASP B 84 0.63 -5.48 -7.38
C ASP B 84 0.42 -6.84 -6.72
N VAL B 85 -0.63 -7.59 -7.05
CA VAL B 85 -0.85 -8.89 -6.39
C VAL B 85 0.28 -9.84 -6.76
N GLU B 86 0.66 -9.83 -8.04
CA GLU B 86 1.76 -10.65 -8.50
C GLU B 86 3.08 -10.22 -7.87
N TRP B 87 3.37 -8.89 -7.85
CA TRP B 87 4.59 -8.34 -7.29
C TRP B 87 4.75 -8.77 -5.84
N LEU B 88 3.71 -8.76 -5.01
CA LEU B 88 3.85 -9.27 -3.63
C LEU B 88 4.24 -10.74 -3.59
N GLY B 89 4.08 -11.42 -4.71
CA GLY B 89 4.51 -12.78 -4.86
C GLY B 89 3.37 -13.74 -4.79
N PHE B 90 2.15 -13.37 -5.21
CA PHE B 90 1.04 -14.29 -5.06
C PHE B 90 0.36 -14.48 -6.42
N HIS B 91 -0.32 -15.62 -6.61
CA HIS B 91 -1.05 -15.84 -7.83
C HIS B 91 -2.41 -16.46 -7.56
N TRP B 92 -3.33 -15.96 -8.32
CA TRP B 92 -4.69 -16.41 -8.23
C TRP B 92 -4.87 -17.73 -8.94
N SER B 93 -6.00 -18.31 -8.62
CA SER B 93 -6.40 -19.59 -9.10
C SER B 93 -7.22 -19.41 -10.35
N GLY B 94 -6.77 -19.95 -11.45
CA GLY B 94 -7.56 -19.91 -12.65
C GLY B 94 -7.47 -18.56 -13.31
N ASN B 95 -8.60 -18.00 -13.70
CA ASN B 95 -8.59 -16.76 -14.42
C ASN B 95 -8.95 -15.61 -13.52
N VAL B 96 -8.77 -14.40 -13.98
CA VAL B 96 -9.21 -13.25 -13.20
C VAL B 96 -10.73 -13.28 -13.26
N ARG B 97 -11.43 -13.16 -12.13
CA ARG B 97 -12.88 -13.20 -12.17
C ARG B 97 -13.37 -11.79 -12.01
N TYR B 98 -14.58 -11.49 -12.43
CA TYR B 98 -15.14 -10.17 -12.25
C TYR B 98 -16.58 -10.36 -11.81
N SER B 99 -17.10 -9.56 -10.87
CA SER B 99 -18.51 -9.57 -10.53
C SER B 99 -19.34 -9.40 -11.79
N SER B 100 -18.91 -8.64 -12.81
CA SER B 100 -19.74 -8.47 -14.01
C SER B 100 -19.85 -9.72 -14.84
N ASP B 101 -19.03 -10.71 -14.55
CA ASP B 101 -19.16 -11.98 -15.20
C ASP B 101 -20.50 -12.55 -14.83
N TYR B 102 -20.92 -12.29 -13.58
CA TYR B 102 -22.17 -12.79 -13.08
C TYR B 102 -23.35 -11.86 -13.31
N PHE B 103 -23.22 -10.77 -14.08
CA PHE B 103 -24.36 -9.87 -14.24
C PHE B 103 -25.62 -10.53 -14.79
N ASP B 104 -25.57 -11.50 -15.71
CA ASP B 104 -26.81 -12.14 -16.15
C ASP B 104 -27.32 -13.10 -15.10
N GLN B 105 -26.43 -13.63 -14.27
CA GLN B 105 -26.80 -14.57 -13.23
C GLN B 105 -27.49 -13.88 -12.07
N LEU B 106 -26.96 -12.74 -11.65
CA LEU B 106 -27.54 -11.98 -10.58
C LEU B 106 -28.93 -11.53 -10.99
N HIS B 107 -29.11 -11.04 -12.22
CA HIS B 107 -30.42 -10.65 -12.70
C HIS B 107 -31.44 -11.77 -12.70
N ALA B 108 -31.01 -13.01 -12.97
CA ALA B 108 -31.88 -14.16 -12.96
C ALA B 108 -32.30 -14.46 -11.53
N TYR B 109 -31.33 -14.42 -10.62
CA TYR B 109 -31.65 -14.55 -9.21
C TYR B 109 -32.57 -13.43 -8.69
N ALA B 110 -32.42 -12.19 -9.16
CA ALA B 110 -33.29 -11.13 -8.74
C ALA B 110 -34.73 -11.48 -9.12
N ILE B 111 -34.91 -12.03 -10.34
CA ILE B 111 -36.21 -12.51 -10.77
C ILE B 111 -36.73 -13.64 -9.87
N GLU B 112 -35.92 -14.56 -9.40
CA GLU B 112 -36.39 -15.56 -8.46
C GLU B 112 -36.99 -14.88 -7.22
N LEU B 113 -36.22 -13.99 -6.59
CA LEU B 113 -36.70 -13.24 -5.47
C LEU B 113 -38.00 -12.52 -5.80
N ILE B 114 -38.13 -11.90 -6.97
CA ILE B 114 -39.36 -11.24 -7.34
C ILE B 114 -40.49 -12.27 -7.40
N ASN B 115 -40.34 -13.35 -8.16
CA ASN B 115 -41.35 -14.41 -8.28
C ASN B 115 -41.75 -14.99 -6.93
N LYS B 116 -40.91 -14.98 -5.89
CA LYS B 116 -41.29 -15.48 -4.58
C LYS B 116 -41.92 -14.39 -3.70
N GLY B 117 -42.09 -13.17 -4.22
CA GLY B 117 -42.63 -12.07 -3.44
C GLY B 117 -41.66 -11.55 -2.40
N LEU B 118 -40.40 -11.98 -2.45
CA LEU B 118 -39.38 -11.49 -1.55
C LEU B 118 -38.61 -10.30 -2.12
N ALA B 119 -39.12 -9.59 -3.14
CA ALA B 119 -38.45 -8.41 -3.65
C ALA B 119 -39.44 -7.58 -4.46
N TYR B 120 -39.29 -6.25 -4.52
CA TYR B 120 -40.26 -5.42 -5.20
C TYR B 120 -39.59 -4.18 -5.78
N VAL B 121 -40.20 -3.55 -6.78
CA VAL B 121 -39.66 -2.33 -7.33
C VAL B 121 -40.24 -1.21 -6.53
N ASP B 122 -39.39 -0.42 -5.93
CA ASP B 122 -39.84 0.67 -5.11
C ASP B 122 -39.65 1.95 -5.89
N GLU B 123 -40.46 2.96 -5.60
CA GLU B 123 -40.38 4.23 -6.29
C GLU B 123 -40.22 5.44 -5.37
N LEU B 124 -39.97 5.17 -4.11
CA LEU B 124 -39.68 6.19 -3.13
C LEU B 124 -38.37 6.82 -3.61
N THR B 125 -38.28 8.14 -3.59
CA THR B 125 -37.10 8.85 -4.06
C THR B 125 -35.85 8.55 -3.19
N PRO B 126 -34.62 8.97 -3.59
CA PRO B 126 -33.44 8.71 -2.76
C PRO B 126 -33.54 9.36 -1.37
N GLU B 127 -34.18 10.52 -1.28
CA GLU B 127 -34.34 11.19 0.00
C GLU B 127 -35.31 10.43 0.90
N GLN B 128 -36.46 10.03 0.31
CA GLN B 128 -37.55 9.38 1.03
C GLN B 128 -37.21 8.04 1.64
N ILE B 129 -36.51 7.18 0.92
CA ILE B 129 -36.10 5.88 1.44
C ILE B 129 -35.29 6.05 2.73
N ARG B 130 -34.51 7.13 2.85
CA ARG B 130 -33.77 7.40 4.08
C ARG B 130 -34.77 7.78 5.15
N GLU B 131 -35.72 8.68 4.84
CA GLU B 131 -36.77 9.06 5.76
C GLU B 131 -37.56 7.86 6.24
N TYR B 132 -37.81 6.86 5.41
CA TYR B 132 -38.62 5.73 5.79
C TYR B 132 -37.82 4.64 6.45
N ARG B 133 -36.50 4.70 6.37
CA ARG B 133 -35.64 3.64 6.90
C ARG B 133 -35.59 3.59 8.43
N GLY B 134 -36.00 4.66 9.10
CA GLY B 134 -35.94 4.67 10.54
C GLY B 134 -34.60 5.26 10.92
N THR B 135 -34.18 5.09 12.15
CA THR B 135 -32.92 5.62 12.62
C THR B 135 -32.31 4.49 13.40
N LEU B 136 -31.22 4.68 14.12
CA LEU B 136 -30.70 3.57 14.93
C LEU B 136 -31.61 3.20 16.11
N THR B 137 -32.46 4.10 16.57
CA THR B 137 -33.34 3.82 17.69
C THR B 137 -34.81 3.65 17.29
N GLN B 138 -35.24 4.32 16.22
CA GLN B 138 -36.61 4.21 15.75
C GLN B 138 -36.71 3.23 14.60
N PRO B 139 -37.65 2.28 14.59
CA PRO B 139 -37.77 1.36 13.46
C PRO B 139 -38.27 2.07 12.21
N GLY B 140 -38.07 1.49 11.04
CA GLY B 140 -38.49 2.10 9.80
C GLY B 140 -39.93 1.79 9.50
N LYS B 141 -40.40 2.17 8.30
CA LYS B 141 -41.79 1.98 7.94
C LYS B 141 -41.93 1.59 6.48
N ASN B 142 -43.03 0.91 6.15
CA ASN B 142 -43.17 0.34 4.84
C ASN B 142 -43.50 1.31 3.74
N SER B 143 -42.78 1.10 2.65
CA SER B 143 -43.01 1.87 1.46
C SER B 143 -44.44 1.64 0.97
N PRO B 144 -45.12 2.66 0.45
CA PRO B 144 -46.46 2.44 -0.10
C PRO B 144 -46.40 1.48 -1.28
N TYR B 145 -45.20 1.31 -1.87
CA TYR B 145 -45.02 0.47 -3.02
C TYR B 145 -44.66 -0.93 -2.62
N ARG B 146 -44.61 -1.25 -1.32
CA ARG B 146 -44.11 -2.55 -0.91
C ARG B 146 -44.95 -3.74 -1.30
N ASP B 147 -46.25 -3.58 -1.52
CA ASP B 147 -47.07 -4.74 -1.77
C ASP B 147 -47.50 -4.84 -3.21
N ARG B 148 -46.66 -4.65 -4.23
CA ARG B 148 -47.24 -4.72 -5.56
C ARG B 148 -47.28 -6.20 -5.96
N SER B 149 -48.12 -6.55 -6.93
CA SER B 149 -48.19 -7.94 -7.36
C SER B 149 -46.86 -8.40 -7.95
N VAL B 150 -46.44 -9.64 -7.72
CA VAL B 150 -45.34 -10.26 -8.48
C VAL B 150 -45.35 -9.84 -9.93
N GLU B 151 -46.55 -9.82 -10.52
CA GLU B 151 -46.75 -9.52 -11.92
C GLU B 151 -46.33 -8.11 -12.23
N GLU B 152 -46.59 -7.18 -11.33
CA GLU B 152 -46.20 -5.79 -11.54
C GLU B 152 -44.73 -5.59 -11.35
N ASN B 153 -44.18 -6.27 -10.34
CA ASN B 153 -42.77 -6.13 -10.03
C ASN B 153 -41.95 -6.65 -11.18
N LEU B 154 -42.34 -7.77 -11.76
CA LEU B 154 -41.70 -8.24 -12.99
C LEU B 154 -41.81 -7.19 -14.09
N ALA B 155 -43.00 -6.67 -14.33
CA ALA B 155 -43.20 -5.65 -15.35
C ALA B 155 -42.35 -4.42 -15.10
N LEU B 156 -42.26 -3.95 -13.85
CA LEU B 156 -41.51 -2.76 -13.54
C LEU B 156 -40.02 -3.00 -13.54
N PHE B 157 -39.56 -4.19 -13.12
CA PHE B 157 -38.15 -4.48 -13.15
C PHE B 157 -37.65 -4.55 -14.62
N GLU B 158 -38.41 -5.08 -15.58
CA GLU B 158 -37.94 -5.10 -16.95
C GLU B 158 -37.98 -3.70 -17.53
N LYS B 159 -38.90 -2.85 -17.06
CA LYS B 159 -38.91 -1.47 -17.51
C LYS B 159 -37.61 -0.82 -17.01
N MET B 160 -37.19 -1.18 -15.78
CA MET B 160 -35.93 -0.73 -15.24
C MET B 160 -34.80 -1.24 -16.12
N ARG B 161 -34.70 -2.55 -16.33
CA ARG B 161 -33.64 -3.16 -17.11
C ARG B 161 -33.55 -2.57 -18.51
N ALA B 162 -34.67 -2.19 -19.12
CA ALA B 162 -34.67 -1.59 -20.43
C ALA B 162 -34.63 -0.04 -20.37
N GLY B 163 -34.11 0.52 -19.28
CA GLY B 163 -33.88 1.95 -19.13
C GLY B 163 -35.08 2.87 -19.28
N GLY B 164 -36.28 2.39 -19.00
CA GLY B 164 -37.47 3.21 -19.09
C GLY B 164 -37.66 4.12 -17.87
N PHE B 165 -36.89 3.94 -16.79
CA PHE B 165 -36.97 4.77 -15.59
C PHE B 165 -35.70 5.58 -15.49
N GLU B 166 -35.81 6.83 -15.07
CA GLU B 166 -34.62 7.64 -14.89
C GLU B 166 -33.83 7.20 -13.68
N GLU B 167 -32.61 7.69 -13.49
CA GLU B 167 -31.81 7.31 -12.35
C GLU B 167 -32.47 7.74 -11.07
N GLY B 168 -32.48 6.88 -10.06
CA GLY B 168 -33.03 7.27 -8.78
C GLY B 168 -34.53 7.21 -8.76
N LYS B 169 -35.21 7.18 -9.89
CA LYS B 169 -36.65 7.17 -9.95
C LYS B 169 -37.27 5.83 -9.60
N ALA B 170 -36.47 4.77 -9.43
CA ALA B 170 -36.98 3.44 -9.06
C ALA B 170 -35.86 2.52 -8.63
N CYS B 171 -36.01 1.58 -7.70
CA CYS B 171 -34.93 0.63 -7.46
C CYS B 171 -35.48 -0.69 -7.04
N LEU B 172 -34.74 -1.78 -7.06
CA LEU B 172 -35.35 -3.03 -6.67
C LEU B 172 -34.96 -3.23 -5.24
N ARG B 173 -35.84 -3.65 -4.33
CA ARG B 173 -35.46 -3.85 -2.93
C ARG B 173 -35.82 -5.24 -2.40
N ALA B 174 -35.10 -5.76 -1.44
CA ALA B 174 -35.48 -6.99 -0.80
C ALA B 174 -36.67 -6.70 0.15
N LYS B 175 -37.64 -7.61 0.25
CA LYS B 175 -38.77 -7.43 1.15
C LYS B 175 -38.43 -8.19 2.45
N ILE B 176 -37.76 -7.55 3.43
CA ILE B 176 -37.40 -8.26 4.65
C ILE B 176 -38.13 -7.62 5.82
N ASP B 177 -37.53 -6.91 6.77
CA ASP B 177 -38.24 -6.40 7.91
C ASP B 177 -37.83 -4.97 8.22
N MET B 178 -38.65 -3.98 7.85
CA MET B 178 -38.35 -2.58 8.15
C MET B 178 -38.21 -2.21 9.62
N ALA B 179 -38.33 -3.12 10.57
CA ALA B 179 -38.18 -2.82 11.97
C ALA B 179 -37.05 -3.66 12.59
N SER B 180 -36.29 -4.37 11.75
CA SER B 180 -35.18 -5.15 12.23
C SER B 180 -34.20 -4.22 12.91
N PRO B 181 -33.55 -4.71 13.96
CA PRO B 181 -32.55 -3.88 14.61
C PRO B 181 -31.34 -3.78 13.68
N PHE B 182 -31.11 -4.77 12.79
CA PHE B 182 -30.09 -4.62 11.76
C PHE B 182 -30.55 -3.63 10.72
N ILE B 183 -30.00 -2.41 10.67
CA ILE B 183 -30.40 -1.42 9.65
C ILE B 183 -30.27 -2.04 8.25
N VAL B 184 -29.23 -2.84 7.97
CA VAL B 184 -29.07 -3.44 6.64
C VAL B 184 -30.24 -4.34 6.22
N MET B 185 -30.99 -4.96 7.15
CA MET B 185 -32.09 -5.83 6.75
C MET B 185 -33.41 -5.08 6.57
N ARG B 186 -33.41 -3.73 6.58
CA ARG B 186 -34.63 -2.96 6.44
C ARG B 186 -34.84 -2.71 4.96
N ASP B 187 -35.14 -3.80 4.25
CA ASP B 187 -35.37 -3.76 2.82
C ASP B 187 -34.22 -3.17 2.01
N PRO B 188 -33.09 -3.90 2.03
CA PRO B 188 -31.93 -3.42 1.34
C PRO B 188 -32.12 -3.37 -0.16
N VAL B 189 -31.70 -2.25 -0.78
CA VAL B 189 -31.68 -2.11 -2.22
C VAL B 189 -30.78 -3.20 -2.80
N LEU B 190 -31.26 -3.78 -3.87
CA LEU B 190 -30.60 -4.84 -4.61
C LEU B 190 -30.08 -4.34 -5.96
N TYR B 191 -30.84 -3.44 -6.61
CA TYR B 191 -30.48 -2.92 -7.91
C TYR B 191 -30.78 -1.43 -7.92
N ARG B 192 -29.95 -0.66 -8.59
CA ARG B 192 -30.23 0.75 -8.81
C ARG B 192 -29.90 1.03 -10.26
N ILE B 193 -30.35 2.18 -10.77
CA ILE B 193 -30.17 2.55 -12.16
C ILE B 193 -28.97 3.45 -12.31
N LYS B 194 -28.03 3.11 -13.16
CA LYS B 194 -26.92 3.98 -13.47
C LYS B 194 -26.72 3.92 -14.95
N PHE B 195 -27.07 4.98 -15.70
CA PHE B 195 -26.80 5.03 -17.13
C PHE B 195 -25.30 5.35 -17.32
N ALA B 196 -24.38 4.44 -17.06
CA ALA B 196 -22.96 4.74 -17.10
C ALA B 196 -22.27 3.57 -17.74
N GLU B 197 -21.30 3.85 -18.60
CA GLU B 197 -20.61 2.79 -19.33
C GLU B 197 -19.75 2.06 -18.34
N HIS B 198 -19.82 0.75 -18.34
CA HIS B 198 -19.04 -0.03 -17.42
C HIS B 198 -17.81 -0.47 -18.17
N HIS B 199 -16.65 -0.36 -17.56
CA HIS B 199 -15.36 -0.79 -18.14
C HIS B 199 -15.21 -2.26 -18.59
N GLN B 200 -16.27 -3.03 -18.78
CA GLN B 200 -16.20 -4.46 -19.06
C GLN B 200 -17.43 -4.79 -19.85
N THR B 201 -18.60 -4.42 -19.32
CA THR B 201 -19.84 -4.70 -20.02
C THR B 201 -20.31 -3.56 -20.92
N GLY B 202 -19.50 -2.51 -21.13
CA GLY B 202 -19.84 -1.43 -22.03
C GLY B 202 -21.13 -0.78 -21.59
N ASN B 203 -22.15 -0.81 -22.43
CA ASN B 203 -23.41 -0.19 -22.09
C ASN B 203 -24.53 -1.21 -22.17
N LYS B 204 -24.20 -2.49 -21.95
CA LYS B 204 -25.16 -3.56 -22.01
C LYS B 204 -26.12 -3.37 -20.87
N TRP B 205 -25.64 -2.95 -19.72
CA TRP B 205 -26.49 -2.83 -18.56
C TRP B 205 -26.65 -1.42 -18.11
N CYS B 206 -27.87 -1.02 -17.74
CA CYS B 206 -27.97 0.24 -17.01
C CYS B 206 -28.66 0.06 -15.68
N ILE B 207 -28.80 -1.19 -15.20
CA ILE B 207 -29.17 -1.44 -13.83
C ILE B 207 -27.96 -2.20 -13.28
N TYR B 208 -27.48 -1.88 -12.07
CA TYR B 208 -26.28 -2.52 -11.52
C TYR B 208 -26.60 -3.06 -10.13
N PRO B 209 -26.04 -4.23 -9.75
CA PRO B 209 -26.32 -4.82 -8.45
C PRO B 209 -25.53 -4.20 -7.35
N MET B 210 -26.12 -4.19 -6.17
CA MET B 210 -25.45 -3.64 -5.02
C MET B 210 -24.47 -4.68 -4.50
N TYR B 211 -23.53 -4.23 -3.68
CA TYR B 211 -22.52 -5.09 -3.14
C TYR B 211 -23.05 -6.30 -2.39
N ASP B 212 -24.09 -6.16 -1.56
CA ASP B 212 -24.49 -7.27 -0.69
C ASP B 212 -25.11 -8.42 -1.42
N PHE B 213 -25.92 -8.09 -2.42
CA PHE B 213 -26.51 -9.09 -3.30
C PHE B 213 -25.41 -9.79 -4.11
N THR B 214 -24.50 -9.01 -4.75
CA THR B 214 -23.44 -9.56 -5.59
C THR B 214 -22.47 -10.44 -4.86
N HIS B 215 -22.13 -10.04 -3.65
CA HIS B 215 -21.04 -10.67 -3.00
C HIS B 215 -21.31 -12.10 -2.61
N CYS B 216 -22.51 -12.42 -2.11
CA CYS B 216 -22.73 -13.77 -1.64
C CYS B 216 -23.03 -14.68 -2.80
N ILE B 217 -23.83 -14.24 -3.76
CA ILE B 217 -24.04 -15.09 -4.92
C ILE B 217 -22.72 -15.37 -5.65
N SER B 218 -21.80 -14.41 -5.88
CA SER B 218 -20.50 -14.68 -6.48
C SER B 218 -19.68 -15.71 -5.70
N ASP B 219 -19.60 -15.57 -4.39
CA ASP B 219 -18.86 -16.53 -3.62
C ASP B 219 -19.48 -17.89 -3.75
N ALA B 220 -20.80 -17.98 -3.76
CA ALA B 220 -21.46 -19.26 -3.91
C ALA B 220 -21.09 -19.87 -5.24
N LEU B 221 -21.24 -19.08 -6.32
CA LEU B 221 -20.97 -19.59 -7.65
C LEU B 221 -19.53 -20.08 -7.81
N GLU B 222 -18.55 -19.42 -7.18
CA GLU B 222 -17.19 -19.87 -7.29
C GLU B 222 -16.85 -20.96 -6.27
N GLY B 223 -17.77 -21.31 -5.39
CA GLY B 223 -17.50 -22.34 -4.41
C GLY B 223 -16.45 -21.92 -3.39
N ILE B 224 -16.56 -20.67 -2.89
CA ILE B 224 -15.67 -20.10 -1.91
C ILE B 224 -16.06 -20.76 -0.62
N THR B 225 -15.14 -21.38 0.08
CA THR B 225 -15.49 -22.00 1.34
C THR B 225 -15.59 -21.01 2.49
N HIS B 226 -14.85 -19.91 2.49
CA HIS B 226 -14.80 -19.01 3.64
C HIS B 226 -14.61 -17.63 3.09
N SER B 227 -15.55 -16.70 3.20
CA SER B 227 -15.31 -15.34 2.73
C SER B 227 -14.76 -14.52 3.89
N LEU B 228 -13.51 -14.09 3.80
CA LEU B 228 -12.93 -13.37 4.90
C LEU B 228 -12.99 -11.90 4.59
N CYS B 229 -13.56 -11.02 5.41
CA CYS B 229 -13.37 -9.60 5.17
C CYS B 229 -13.37 -8.77 6.44
N THR B 230 -13.40 -7.43 6.40
CA THR B 230 -13.12 -6.72 7.63
C THR B 230 -14.34 -6.48 8.48
N LEU B 231 -14.10 -6.28 9.76
CA LEU B 231 -15.11 -6.05 10.78
C LEU B 231 -16.36 -5.23 10.48
N GLU B 232 -16.35 -4.20 9.64
CA GLU B 232 -17.61 -3.49 9.37
C GLU B 232 -18.62 -4.34 8.60
N PHE B 233 -18.27 -5.51 8.10
CA PHE B 233 -19.22 -6.33 7.39
C PHE B 233 -19.90 -7.34 8.29
N GLN B 234 -19.68 -7.28 9.62
CA GLN B 234 -20.30 -8.20 10.57
C GLN B 234 -21.80 -8.10 10.56
N ASP B 235 -22.38 -6.89 10.57
CA ASP B 235 -23.83 -6.77 10.49
C ASP B 235 -24.26 -7.28 9.13
N ASN B 236 -23.55 -6.89 8.06
CA ASN B 236 -23.84 -7.33 6.70
C ASN B 236 -23.94 -8.83 6.52
N ARG B 237 -23.25 -9.62 7.33
CA ARG B 237 -23.35 -11.06 7.25
C ARG B 237 -24.80 -11.56 7.27
N ARG B 238 -25.69 -10.85 7.96
CA ARG B 238 -27.09 -11.22 8.01
C ARG B 238 -27.72 -11.17 6.62
N LEU B 239 -27.41 -10.16 5.82
CA LEU B 239 -27.97 -10.11 4.49
C LEU B 239 -27.28 -11.15 3.59
N TYR B 240 -25.99 -11.42 3.78
CA TYR B 240 -25.28 -12.49 3.08
C TYR B 240 -26.05 -13.80 3.24
N ASP B 241 -26.26 -14.22 4.48
CA ASP B 241 -27.03 -15.41 4.70
C ASP B 241 -28.48 -15.31 4.25
N TRP B 242 -29.19 -14.18 4.38
CA TRP B 242 -30.57 -14.13 3.92
C TRP B 242 -30.66 -14.37 2.40
N VAL B 243 -29.85 -13.70 1.58
CA VAL B 243 -29.94 -13.85 0.13
C VAL B 243 -29.72 -15.31 -0.25
N LEU B 244 -28.67 -15.92 0.30
CA LEU B 244 -28.38 -17.30 -0.02
C LEU B 244 -29.41 -18.24 0.53
N ASP B 245 -30.11 -17.94 1.62
CA ASP B 245 -31.14 -18.85 2.09
C ASP B 245 -32.41 -18.74 1.27
N ASN B 246 -32.54 -17.77 0.36
CA ASN B 246 -33.80 -17.57 -0.37
C ASN B 246 -33.77 -17.70 -1.86
N ILE B 247 -32.70 -18.25 -2.44
CA ILE B 247 -32.54 -18.42 -3.88
C ILE B 247 -32.10 -19.86 -4.13
N THR B 248 -32.19 -20.41 -5.33
CA THR B 248 -31.77 -21.79 -5.49
C THR B 248 -30.27 -21.76 -5.73
N ILE B 249 -29.49 -22.13 -4.73
CA ILE B 249 -28.04 -22.11 -4.87
C ILE B 249 -27.60 -23.36 -4.10
N PRO B 250 -26.72 -24.20 -4.63
CA PRO B 250 -26.37 -25.41 -3.90
C PRO B 250 -25.42 -25.28 -2.75
N VAL B 251 -24.74 -24.14 -2.53
CA VAL B 251 -23.76 -24.11 -1.45
C VAL B 251 -23.99 -22.88 -0.61
N HIS B 252 -23.44 -22.81 0.59
CA HIS B 252 -23.59 -21.61 1.38
C HIS B 252 -22.28 -21.23 2.05
N PRO B 253 -21.43 -20.42 1.40
CA PRO B 253 -20.18 -20.00 2.03
C PRO B 253 -20.43 -19.33 3.37
N ARG B 254 -19.46 -19.44 4.29
CA ARG B 254 -19.56 -18.69 5.54
C ARG B 254 -18.61 -17.49 5.51
N GLN B 255 -19.03 -16.36 6.07
CA GLN B 255 -18.26 -15.14 6.10
C GLN B 255 -17.59 -15.06 7.45
N TYR B 256 -16.33 -14.62 7.54
CA TYR B 256 -15.65 -14.40 8.82
C TYR B 256 -14.95 -13.08 8.71
N GLU B 257 -14.83 -12.35 9.80
CA GLU B 257 -14.32 -11.00 9.77
C GLU B 257 -13.17 -10.84 10.73
N PHE B 258 -12.13 -10.11 10.28
CA PHE B 258 -10.95 -9.83 11.09
C PHE B 258 -10.85 -8.31 11.09
N SER B 259 -10.02 -7.69 11.93
CA SER B 259 -9.98 -6.22 11.98
C SER B 259 -9.07 -5.64 10.92
N ARG B 260 -9.38 -4.43 10.48
CA ARG B 260 -8.59 -3.85 9.43
C ARG B 260 -7.30 -3.24 9.94
N LEU B 261 -6.37 -2.97 9.01
CA LEU B 261 -5.10 -2.36 9.33
C LEU B 261 -5.24 -0.86 9.38
N ASN B 262 -4.69 -0.25 10.43
CA ASN B 262 -4.59 1.19 10.52
C ASN B 262 -3.12 1.46 10.71
N LEU B 263 -2.46 2.16 9.79
CA LEU B 263 -1.10 2.50 10.03
C LEU B 263 -1.06 3.89 10.59
N GLU B 264 -0.16 4.09 11.54
CA GLU B 264 0.05 5.40 12.14
C GLU B 264 0.64 6.41 11.13
N TYR B 265 0.12 7.64 11.09
CA TYR B 265 0.60 8.76 10.28
C TYR B 265 0.21 8.68 8.83
N THR B 266 -0.78 7.86 8.52
CA THR B 266 -1.22 7.79 7.14
C THR B 266 -2.71 7.53 7.04
N VAL B 267 -3.30 7.82 5.89
CA VAL B 267 -4.73 7.64 5.73
C VAL B 267 -4.89 6.51 4.75
N MET B 268 -5.73 5.55 5.09
CA MET B 268 -5.98 4.41 4.23
C MET B 268 -7.25 4.47 3.39
N SER B 269 -8.14 5.45 3.57
CA SER B 269 -9.36 5.41 2.83
C SER B 269 -9.05 5.71 1.38
N LYS B 270 -9.55 4.98 0.39
CA LYS B 270 -9.24 5.35 -0.99
C LYS B 270 -9.87 6.68 -1.40
N ARG B 271 -10.89 7.18 -0.71
CA ARG B 271 -11.51 8.46 -1.02
C ARG B 271 -10.54 9.60 -0.70
N LYS B 272 -9.77 9.42 0.37
CA LYS B 272 -8.82 10.43 0.80
C LYS B 272 -7.57 10.35 -0.05
N LEU B 273 -7.00 9.14 -0.22
CA LEU B 273 -5.85 8.96 -1.10
C LEU B 273 -6.16 9.53 -2.48
N ASN B 274 -7.36 9.31 -2.97
CA ASN B 274 -7.75 9.86 -4.25
C ASN B 274 -7.70 11.38 -4.26
N LEU B 275 -8.05 12.03 -3.15
CA LEU B 275 -8.03 13.49 -3.07
C LEU B 275 -6.60 14.03 -3.14
N LEU B 276 -5.67 13.35 -2.44
CA LEU B 276 -4.25 13.70 -2.50
C LEU B 276 -3.79 13.66 -3.96
N VAL B 277 -4.15 12.64 -4.72
CA VAL B 277 -3.70 12.53 -6.10
C VAL B 277 -4.38 13.55 -6.99
N THR B 278 -5.70 13.67 -6.87
CA THR B 278 -6.51 14.59 -7.66
C THR B 278 -6.11 16.05 -7.47
N ASP B 279 -5.94 16.48 -6.23
CA ASP B 279 -5.52 17.83 -5.94
C ASP B 279 -4.01 18.00 -6.01
N LYS B 280 -3.29 17.07 -6.64
CA LYS B 280 -1.86 17.18 -6.88
C LYS B 280 -1.02 17.42 -5.64
N HIS B 281 -1.31 16.84 -4.48
CA HIS B 281 -0.42 17.06 -3.35
C HIS B 281 0.61 15.94 -3.27
N VAL B 282 0.53 14.93 -4.14
CA VAL B 282 1.55 13.90 -4.27
C VAL B 282 1.62 13.71 -5.78
N GLU B 283 2.69 13.11 -6.27
CA GLU B 283 2.86 12.86 -7.69
C GLU B 283 1.79 11.98 -8.27
N GLY B 284 1.30 11.02 -7.49
CA GLY B 284 0.21 10.21 -7.95
C GLY B 284 0.20 9.02 -7.04
N TRP B 285 -0.52 7.97 -7.46
CA TRP B 285 -0.73 6.82 -6.64
C TRP B 285 0.51 6.10 -6.22
N ASP B 286 1.57 6.19 -7.00
CA ASP B 286 2.78 5.46 -6.68
C ASP B 286 3.87 6.37 -6.14
N ASP B 287 3.49 7.53 -5.62
CA ASP B 287 4.46 8.42 -5.05
C ASP B 287 5.08 7.72 -3.83
N PRO B 288 6.40 7.86 -3.59
CA PRO B 288 7.01 7.17 -2.47
C PRO B 288 6.49 7.47 -1.08
N ARG B 289 5.63 8.48 -0.90
CA ARG B 289 5.02 8.79 0.40
C ARG B 289 3.64 8.17 0.56
N MET B 290 3.04 7.72 -0.53
CA MET B 290 1.72 7.13 -0.51
C MET B 290 1.81 5.80 0.21
N PRO B 291 0.77 5.31 0.91
CA PRO B 291 0.88 3.98 1.55
C PRO B 291 0.42 2.86 0.60
N THR B 292 0.31 3.17 -0.71
CA THR B 292 -0.08 2.21 -1.69
C THR B 292 1.01 1.16 -1.86
N ILE B 293 0.71 -0.01 -2.44
CA ILE B 293 1.74 -0.99 -2.68
C ILE B 293 2.70 -0.42 -3.73
N SER B 294 2.24 0.20 -4.82
CA SER B 294 3.18 0.67 -5.82
C SER B 294 4.09 1.78 -5.29
N GLY B 295 3.58 2.63 -4.40
CA GLY B 295 4.36 3.69 -3.78
C GLY B 295 5.44 3.06 -2.93
N LEU B 296 5.08 2.11 -2.06
CA LEU B 296 6.05 1.38 -1.25
C LEU B 296 7.08 0.67 -2.14
N ARG B 297 6.71 0.26 -3.35
CA ARG B 297 7.64 -0.34 -4.27
C ARG B 297 8.62 0.73 -4.75
N ARG B 298 8.13 1.88 -5.25
CA ARG B 298 8.97 2.96 -5.74
C ARG B 298 9.90 3.50 -4.67
N ARG B 299 9.47 3.43 -3.42
CA ARG B 299 10.23 3.88 -2.28
C ARG B 299 11.38 2.93 -2.02
N GLY B 300 11.27 1.68 -2.47
CA GLY B 300 12.38 0.74 -2.29
C GLY B 300 12.10 -0.42 -1.39
N TYR B 301 10.82 -0.61 -1.05
CA TYR B 301 10.42 -1.74 -0.22
C TYR B 301 10.47 -3.01 -1.03
N THR B 302 10.62 -4.13 -0.34
CA THR B 302 10.66 -5.38 -1.05
C THR B 302 9.43 -6.22 -0.79
N ALA B 303 8.88 -6.96 -1.75
CA ALA B 303 7.69 -7.76 -1.48
C ALA B 303 7.92 -8.69 -0.32
N ALA B 304 9.14 -9.17 -0.10
CA ALA B 304 9.38 -9.98 1.07
C ALA B 304 9.31 -9.21 2.38
N SER B 305 9.54 -7.90 2.39
CA SER B 305 9.43 -7.14 3.62
C SER B 305 7.97 -6.95 4.02
N ILE B 306 7.08 -6.74 3.04
CA ILE B 306 5.65 -6.58 3.33
C ILE B 306 5.04 -7.92 3.76
N ARG B 307 5.40 -9.04 3.11
CA ARG B 307 4.97 -10.32 3.62
C ARG B 307 5.44 -10.55 5.06
N GLU B 308 6.61 -10.04 5.45
CA GLU B 308 7.01 -10.18 6.83
C GLU B 308 6.12 -9.29 7.71
N PHE B 309 5.78 -8.08 7.25
CA PHE B 309 4.90 -7.21 8.01
C PHE B 309 3.61 -7.92 8.33
N CYS B 310 2.95 -8.50 7.30
CA CYS B 310 1.73 -9.28 7.46
C CYS B 310 1.83 -10.33 8.56
N LYS B 311 2.95 -11.05 8.52
CA LYS B 311 3.27 -12.08 9.49
C LYS B 311 3.26 -11.52 10.90
N ARG B 312 3.94 -10.39 11.09
CA ARG B 312 4.09 -9.77 12.39
C ARG B 312 2.85 -9.14 12.96
N ILE B 313 2.07 -8.36 12.19
CA ILE B 313 0.91 -7.68 12.75
C ILE B 313 -0.22 -8.55 13.25
N GLY B 314 -0.20 -9.85 12.98
CA GLY B 314 -1.23 -10.78 13.46
C GLY B 314 -2.52 -10.68 12.65
N VAL B 315 -3.53 -11.49 13.00
CA VAL B 315 -4.86 -11.39 12.43
C VAL B 315 -5.80 -11.60 13.62
N THR B 316 -6.51 -10.56 14.07
CA THR B 316 -7.38 -10.68 15.23
C THR B 316 -8.71 -9.95 15.02
N LYS B 317 -9.56 -9.91 16.07
CA LYS B 317 -10.78 -9.11 16.03
C LYS B 317 -10.55 -7.72 16.63
N GLN B 318 -9.43 -7.58 17.32
CA GLN B 318 -9.01 -6.34 17.95
C GLN B 318 -8.82 -5.18 17.02
N ASP B 319 -9.40 -4.02 17.31
CA ASP B 319 -9.11 -2.82 16.54
C ASP B 319 -7.70 -2.41 16.91
N ASN B 320 -6.95 -1.80 16.00
CA ASN B 320 -5.53 -1.64 16.20
C ASN B 320 -4.99 -0.52 15.32
N THR B 321 -3.86 0.07 15.71
CA THR B 321 -3.10 0.96 14.85
C THR B 321 -1.64 0.65 15.02
N ILE B 322 -1.02 0.21 13.94
CA ILE B 322 0.35 -0.17 13.99
C ILE B 322 1.22 1.06 13.82
N GLU B 323 2.30 1.10 14.58
CA GLU B 323 3.25 2.17 14.45
C GLU B 323 4.14 1.87 13.27
N MET B 324 4.48 2.91 12.49
CA MET B 324 5.46 2.82 11.43
C MET B 324 6.71 2.06 11.84
N ALA B 325 7.12 2.17 13.10
CA ALA B 325 8.29 1.47 13.62
C ALA B 325 8.28 -0.02 13.27
N SER B 326 7.09 -0.65 13.22
CA SER B 326 6.96 -2.00 12.71
C SER B 326 7.25 -2.10 11.23
N LEU B 327 6.64 -1.25 10.38
CA LEU B 327 6.81 -1.37 8.95
C LEU B 327 8.29 -1.25 8.60
N GLU B 328 8.87 -0.14 9.08
CA GLU B 328 10.27 0.19 8.88
C GLU B 328 11.18 -0.91 9.41
N SER B 329 10.89 -1.46 10.59
CA SER B 329 11.68 -2.55 11.12
C SER B 329 11.82 -3.65 10.08
N CYS B 330 10.73 -3.99 9.38
CA CYS B 330 10.76 -5.06 8.39
C CYS B 330 11.67 -4.75 7.25
N ILE B 331 11.55 -3.57 6.64
CA ILE B 331 12.37 -3.30 5.49
C ILE B 331 13.83 -3.18 5.88
N ARG B 332 14.10 -2.67 7.09
CA ARG B 332 15.46 -2.57 7.54
C ARG B 332 16.06 -3.93 7.61
N GLU B 333 15.41 -4.87 8.26
CA GLU B 333 15.96 -6.21 8.41
C GLU B 333 16.29 -6.86 7.07
N ASP B 334 15.40 -6.69 6.09
CA ASP B 334 15.60 -7.27 4.76
C ASP B 334 16.82 -6.65 4.12
N LEU B 335 16.84 -5.34 4.09
CA LEU B 335 17.87 -4.62 3.40
C LEU B 335 19.22 -4.70 4.09
N ASN B 336 19.29 -4.83 5.41
CA ASN B 336 20.57 -5.00 6.08
C ASN B 336 21.22 -6.30 5.62
N GLU B 337 20.40 -7.33 5.44
CA GLU B 337 20.91 -8.59 4.96
C GLU B 337 21.38 -8.46 3.55
N ASN B 338 20.53 -7.87 2.73
CA ASN B 338 20.70 -7.98 1.29
C ASN B 338 21.23 -6.79 0.55
N ALA B 339 21.41 -5.64 1.17
CA ALA B 339 21.77 -4.48 0.40
C ALA B 339 23.28 -4.31 0.25
N PRO B 340 23.77 -4.21 -1.00
CA PRO B 340 25.20 -3.97 -1.18
C PRO B 340 25.44 -2.53 -0.68
N ARG B 341 26.52 -2.36 0.08
CA ARG B 341 26.92 -1.07 0.62
C ARG B 341 27.53 -0.15 -0.45
N ALA B 342 27.50 1.15 -0.26
CA ALA B 342 28.14 2.08 -1.18
C ALA B 342 28.34 3.44 -0.47
N MET B 343 28.81 4.49 -1.16
CA MET B 343 29.06 5.77 -0.50
C MET B 343 28.51 6.89 -1.36
N ALA B 344 27.91 7.85 -0.69
CA ALA B 344 27.31 9.03 -1.30
C ALA B 344 27.19 10.06 -0.19
N VAL B 345 27.47 11.32 -0.50
CA VAL B 345 27.43 12.41 0.44
C VAL B 345 26.27 13.30 0.02
N ILE B 346 25.39 13.58 0.99
CA ILE B 346 24.13 14.24 0.68
C ILE B 346 24.28 15.75 0.79
N ASP B 347 24.92 16.22 1.85
CA ASP B 347 25.21 17.65 2.03
C ASP B 347 26.74 17.78 2.00
N PRO B 348 27.32 18.05 0.81
CA PRO B 348 28.78 18.10 0.68
C PRO B 348 29.62 19.36 0.92
N VAL B 349 30.69 19.18 1.69
CA VAL B 349 31.71 20.21 1.94
C VAL B 349 33.05 19.59 1.58
N LYS B 350 33.92 20.34 0.91
CA LYS B 350 35.20 19.82 0.47
C LYS B 350 36.21 19.62 1.60
N LEU B 351 37.00 18.56 1.50
CA LEU B 351 38.03 18.27 2.46
C LEU B 351 39.23 17.96 1.61
N VAL B 352 40.27 18.79 1.67
CA VAL B 352 41.49 18.58 0.89
C VAL B 352 42.64 18.14 1.77
N ILE B 353 43.23 17.05 1.33
CA ILE B 353 44.39 16.47 1.97
C ILE B 353 45.56 17.12 1.26
N GLU B 354 46.33 17.93 1.98
CA GLU B 354 47.48 18.61 1.40
C GLU B 354 48.69 17.67 1.24
N ASN B 355 48.88 16.75 2.19
CA ASN B 355 49.97 15.78 2.19
C ASN B 355 49.87 14.77 1.03
N TYR B 356 48.86 14.87 0.16
CA TYR B 356 48.61 13.83 -0.81
C TYR B 356 49.55 13.88 -2.00
N GLN B 357 50.35 12.82 -2.14
CA GLN B 357 51.27 12.72 -3.26
C GLN B 357 50.68 11.78 -4.28
N GLY B 358 50.32 12.30 -5.44
CA GLY B 358 49.89 11.44 -6.52
C GLY B 358 48.61 11.97 -7.13
N GLU B 359 48.09 11.26 -8.13
CA GLU B 359 46.86 11.64 -8.80
C GLU B 359 45.66 10.86 -8.34
N GLY B 360 45.86 9.96 -7.38
CA GLY B 360 44.74 9.27 -6.80
C GLY B 360 44.91 7.78 -6.91
N GLU B 361 44.65 7.07 -5.82
CA GLU B 361 44.82 5.64 -5.85
C GLU B 361 43.46 4.92 -5.94
N MET B 362 43.41 3.68 -5.49
CA MET B 362 42.22 2.87 -5.61
C MET B 362 42.15 2.08 -4.34
N VAL B 363 41.09 2.17 -3.57
CA VAL B 363 41.01 1.30 -2.42
C VAL B 363 39.95 0.21 -2.69
N THR B 364 40.18 -0.99 -2.18
CA THR B 364 39.25 -2.07 -2.33
C THR B 364 38.25 -1.91 -1.21
N MET B 365 36.99 -1.78 -1.57
CA MET B 365 35.94 -1.68 -0.59
C MET B 365 35.06 -2.91 -0.66
N PRO B 366 34.69 -3.46 0.50
CA PRO B 366 33.81 -4.61 0.52
C PRO B 366 32.44 -4.19 0.01
N ASN B 367 31.73 -5.02 -0.73
CA ASN B 367 30.33 -4.73 -1.05
C ASN B 367 29.42 -5.05 0.15
N HIS B 368 29.88 -5.79 1.18
CA HIS B 368 29.07 -5.99 2.37
C HIS B 368 29.95 -6.26 3.59
N PRO B 369 30.19 -5.29 4.50
CA PRO B 369 31.04 -5.47 5.68
C PRO B 369 30.94 -6.73 6.54
N ASN B 370 29.79 -7.39 6.65
CA ASN B 370 29.75 -8.62 7.43
C ASN B 370 29.58 -9.86 6.58
N LYS B 371 29.60 -9.73 5.25
CA LYS B 371 29.37 -10.88 4.39
C LYS B 371 30.35 -10.89 3.24
N PRO B 372 31.52 -11.51 3.42
CA PRO B 372 32.56 -11.55 2.38
C PRO B 372 32.09 -12.06 1.01
N GLU B 373 31.12 -12.96 1.04
CA GLU B 373 30.52 -13.54 -0.15
C GLU B 373 30.05 -12.53 -1.15
N MET B 374 29.61 -11.32 -0.76
CA MET B 374 29.09 -10.39 -1.76
C MET B 374 30.15 -9.66 -2.56
N GLY B 375 31.43 -10.01 -2.39
CA GLY B 375 32.50 -9.45 -3.22
C GLY B 375 32.96 -8.07 -2.82
N SER B 376 33.75 -7.45 -3.68
CA SER B 376 34.31 -6.15 -3.39
C SER B 376 34.42 -5.35 -4.65
N ARG B 377 34.72 -4.06 -4.53
CA ARG B 377 34.88 -3.25 -5.70
C ARG B 377 36.06 -2.34 -5.44
N GLN B 378 36.56 -1.76 -6.52
CA GLN B 378 37.69 -0.88 -6.45
C GLN B 378 37.08 0.50 -6.52
N VAL B 379 37.24 1.29 -5.46
CA VAL B 379 36.74 2.67 -5.40
C VAL B 379 37.91 3.65 -5.41
N PRO B 380 37.84 4.75 -6.17
CA PRO B 380 38.94 5.71 -6.18
C PRO B 380 39.14 6.57 -4.94
N PHE B 381 40.36 6.57 -4.39
CA PHE B 381 40.73 7.47 -3.31
C PHE B 381 41.49 8.63 -3.93
N SER B 382 41.61 9.75 -3.23
CA SER B 382 42.18 10.96 -3.78
C SER B 382 42.56 11.94 -2.66
N GLY B 383 43.10 13.12 -3.03
CA GLY B 383 43.39 14.17 -2.07
C GLY B 383 42.20 15.06 -1.79
N GLU B 384 41.52 15.54 -2.85
CA GLU B 384 40.28 16.29 -2.71
C GLU B 384 39.10 15.34 -2.62
N ILE B 385 38.64 15.07 -1.41
CA ILE B 385 37.47 14.25 -1.26
C ILE B 385 36.27 15.18 -1.05
N TRP B 386 35.11 14.60 -0.77
CA TRP B 386 33.90 15.30 -0.42
C TRP B 386 33.49 14.66 0.87
N ILE B 387 33.15 15.45 1.87
CA ILE B 387 32.59 14.85 3.07
C ILE B 387 31.25 15.51 3.36
N ASP B 388 30.44 14.83 4.13
CA ASP B 388 29.17 15.39 4.52
C ASP B 388 29.41 16.34 5.71
N ARG B 389 28.76 17.50 5.60
CA ARG B 389 28.79 18.54 6.60
C ARG B 389 28.77 18.13 8.05
N ALA B 390 27.77 17.39 8.51
CA ALA B 390 27.64 17.05 9.91
C ALA B 390 28.75 16.21 10.50
N ASP B 391 29.73 15.84 9.68
CA ASP B 391 30.78 15.02 10.18
C ASP B 391 32.00 15.81 10.61
N PHE B 392 31.91 17.14 10.45
CA PHE B 392 32.94 18.01 10.97
C PHE B 392 32.35 18.98 11.98
N ARG B 393 32.95 18.97 13.17
CA ARG B 393 32.62 19.93 14.19
C ARG B 393 33.90 20.61 14.68
N GLU B 394 33.92 21.93 14.70
CA GLU B 394 35.06 22.71 15.21
C GLU B 394 35.32 22.55 16.70
N GLU B 395 34.30 22.17 17.45
CA GLU B 395 34.36 22.02 18.89
C GLU B 395 33.34 20.95 19.21
N ALA B 396 33.67 19.93 20.02
CA ALA B 396 32.69 18.89 20.32
C ALA B 396 33.10 18.04 21.50
N ASN B 397 32.14 17.56 22.29
CA ASN B 397 32.40 16.78 23.49
C ASN B 397 32.52 15.30 23.25
N LYS B 398 33.45 14.66 23.97
CA LYS B 398 33.81 13.23 23.97
C LYS B 398 32.88 12.20 23.31
N GLN B 399 31.56 12.35 23.45
CA GLN B 399 30.59 11.47 22.81
C GLN B 399 30.80 11.53 21.29
N TYR B 400 30.93 12.75 20.75
CA TYR B 400 31.16 12.98 19.34
C TYR B 400 32.43 12.26 18.90
N LYS B 401 32.28 11.32 17.96
CA LYS B 401 33.42 10.56 17.49
C LYS B 401 33.74 10.83 16.02
N ARG B 402 33.19 11.92 15.48
CA ARG B 402 33.46 12.28 14.10
C ARG B 402 34.65 13.23 13.98
N LEU B 403 34.77 14.06 12.93
CA LEU B 403 35.97 14.86 12.78
C LEU B 403 35.89 16.22 13.43
N VAL B 404 36.52 16.33 14.59
CA VAL B 404 36.63 17.62 15.25
C VAL B 404 37.92 18.25 14.77
N LEU B 405 38.01 19.58 14.70
CA LEU B 405 39.23 20.29 14.28
C LEU B 405 40.52 19.90 15.01
N GLY B 406 40.42 19.18 16.12
CA GLY B 406 41.62 18.79 16.83
C GLY B 406 42.11 17.38 16.57
N LYS B 407 41.29 16.42 16.15
CA LYS B 407 41.82 15.06 16.17
C LYS B 407 41.73 14.34 14.82
N GLU B 408 41.85 13.01 14.82
CA GLU B 408 41.92 12.22 13.62
C GLU B 408 40.68 11.36 13.48
N VAL B 409 40.27 11.07 12.24
CA VAL B 409 39.17 10.16 11.95
C VAL B 409 39.61 9.25 10.82
N ARG B 410 39.11 8.03 10.81
CA ARG B 410 39.37 7.14 9.71
C ARG B 410 38.36 7.47 8.63
N LEU B 411 38.83 7.56 7.39
CA LEU B 411 37.94 7.63 6.25
C LEU B 411 37.50 6.18 5.94
N ARG B 412 36.26 5.94 5.53
CA ARG B 412 35.77 4.58 5.32
C ARG B 412 36.66 3.84 4.34
N ASN B 413 37.27 2.78 4.87
CA ASN B 413 38.13 1.91 4.07
C ASN B 413 39.32 2.62 3.46
N ALA B 414 39.80 3.70 4.06
CA ALA B 414 40.95 4.38 3.51
C ALA B 414 41.86 4.87 4.63
N TYR B 415 42.14 6.16 4.74
CA TYR B 415 43.22 6.61 5.61
C TYR B 415 42.78 7.30 6.87
N VAL B 416 43.57 7.21 7.95
CA VAL B 416 43.29 8.02 9.13
C VAL B 416 43.75 9.41 8.74
N ILE B 417 42.84 10.34 8.63
CA ILE B 417 43.22 11.69 8.36
C ILE B 417 43.16 12.42 9.68
N LYS B 418 43.68 13.63 9.70
CA LYS B 418 43.77 14.41 10.92
C LYS B 418 43.45 15.83 10.53
N ALA B 419 42.51 16.40 11.26
CA ALA B 419 42.04 17.74 10.98
C ALA B 419 43.11 18.75 11.32
N GLU B 420 43.34 19.69 10.41
CA GLU B 420 44.36 20.69 10.67
C GLU B 420 43.86 22.11 10.57
N ARG B 421 43.13 22.47 9.51
CA ARG B 421 42.73 23.85 9.34
C ARG B 421 41.42 23.93 8.60
N VAL B 422 40.48 24.75 9.06
CA VAL B 422 39.24 24.97 8.33
C VAL B 422 39.45 26.21 7.47
N GLU B 423 38.68 26.42 6.43
CA GLU B 423 38.70 27.68 5.71
C GLU B 423 37.24 28.09 5.61
N LYS B 424 36.89 29.23 6.19
CA LYS B 424 35.50 29.60 6.21
C LYS B 424 35.04 30.44 5.05
N ASP B 425 33.81 30.12 4.67
CA ASP B 425 33.07 30.97 3.78
C ASP B 425 32.82 32.22 4.61
N ALA B 426 32.90 33.37 3.95
CA ALA B 426 32.66 34.67 4.56
C ALA B 426 31.49 34.72 5.54
N GLU B 427 30.40 33.99 5.28
CA GLU B 427 29.26 34.02 6.18
C GLU B 427 29.44 32.96 7.28
N GLY B 428 30.63 32.90 7.87
CA GLY B 428 31.00 31.98 8.94
C GLY B 428 30.63 30.53 8.68
N ASN B 429 30.62 30.11 7.42
CA ASN B 429 30.10 28.80 7.09
C ASN B 429 31.03 27.63 6.91
N ILE B 430 32.31 27.90 6.61
CA ILE B 430 33.34 26.96 6.18
C ILE B 430 33.14 26.68 4.69
N THR B 431 34.18 26.22 4.00
CA THR B 431 34.11 25.90 2.58
C THR B 431 35.02 24.73 2.26
N THR B 432 36.17 24.63 2.95
CA THR B 432 37.02 23.47 2.81
C THR B 432 37.66 23.21 4.14
N ILE B 433 38.04 21.98 4.36
CA ILE B 433 38.79 21.59 5.53
C ILE B 433 40.12 21.09 4.99
N PHE B 434 41.19 21.33 5.73
CA PHE B 434 42.55 20.98 5.34
C PHE B 434 43.04 20.01 6.38
N CYS B 435 43.56 18.88 5.89
CA CYS B 435 43.90 17.76 6.76
C CYS B 435 45.17 17.02 6.33
N THR B 436 45.79 16.30 7.27
CA THR B 436 46.95 15.45 7.00
C THR B 436 46.50 14.00 6.97
N TYR B 437 47.19 13.07 6.30
CA TYR B 437 46.76 11.69 6.30
C TYR B 437 47.95 10.84 6.74
N ASP B 438 47.73 9.75 7.45
CA ASP B 438 48.83 8.89 7.81
C ASP B 438 48.95 7.87 6.69
N ALA B 439 50.09 7.77 6.02
CA ALA B 439 50.26 6.82 4.92
C ALA B 439 50.26 5.34 5.30
N ASP B 440 50.33 5.02 6.59
CA ASP B 440 50.22 3.64 6.99
C ASP B 440 49.14 3.62 8.06
N THR B 441 47.88 3.59 7.63
CA THR B 441 46.80 3.46 8.58
C THR B 441 45.65 2.68 7.99
N LEU B 442 45.90 1.40 7.70
CA LEU B 442 44.90 0.50 7.16
C LEU B 442 45.46 -0.91 7.12
N GLY B 454 35.87 6.10 15.15
CA GLY B 454 35.67 7.40 14.51
C GLY B 454 35.87 7.32 13.01
N VAL B 455 34.83 6.89 12.29
CA VAL B 455 34.89 6.72 10.86
C VAL B 455 33.92 7.69 10.25
N ILE B 456 34.19 8.14 9.05
CA ILE B 456 33.23 8.90 8.30
C ILE B 456 33.30 8.45 6.85
N HIS B 457 32.21 8.65 6.11
CA HIS B 457 32.15 8.30 4.70
C HIS B 457 32.57 9.52 3.87
N TRP B 458 33.01 9.31 2.64
CA TRP B 458 33.65 10.32 1.81
C TRP B 458 33.43 9.99 0.34
N VAL B 459 33.65 10.93 -0.58
CA VAL B 459 33.58 10.67 -2.01
C VAL B 459 34.68 11.46 -2.73
N SER B 460 35.63 10.82 -3.42
CA SER B 460 36.63 11.50 -4.25
C SER B 460 35.96 12.48 -5.21
N ALA B 461 36.17 13.76 -4.95
CA ALA B 461 35.62 14.84 -5.77
C ALA B 461 35.87 14.64 -7.25
N ALA B 462 37.06 14.13 -7.58
CA ALA B 462 37.49 13.93 -8.95
C ALA B 462 36.63 12.94 -9.74
N HIS B 463 36.16 11.92 -9.02
CA HIS B 463 35.48 10.80 -9.67
C HIS B 463 34.08 10.65 -9.09
N ALA B 464 33.44 11.76 -8.75
CA ALA B 464 32.15 11.73 -8.10
C ALA B 464 31.03 11.88 -9.10
N LEU B 465 29.94 11.15 -8.85
CA LEU B 465 28.80 11.24 -9.72
C LEU B 465 27.74 12.10 -9.06
N PRO B 466 27.23 13.10 -9.77
CA PRO B 466 26.19 13.96 -9.24
C PRO B 466 24.89 13.15 -9.07
N VAL B 467 24.36 13.05 -7.86
CA VAL B 467 23.18 12.27 -7.65
C VAL B 467 22.14 13.09 -6.91
N GLU B 468 20.91 13.15 -7.41
CA GLU B 468 19.86 13.85 -6.69
C GLU B 468 19.32 12.92 -5.61
N ILE B 469 19.05 13.40 -4.42
CA ILE B 469 18.56 12.52 -3.37
C ILE B 469 17.23 13.00 -2.85
N ARG B 470 16.25 12.11 -2.71
CA ARG B 470 14.97 12.50 -2.19
C ARG B 470 14.83 11.87 -0.82
N LEU B 471 14.86 12.74 0.18
CA LEU B 471 14.72 12.34 1.57
C LEU B 471 13.23 12.44 1.88
N TYR B 472 12.66 11.27 2.11
CA TYR B 472 11.24 11.10 2.31
C TYR B 472 10.94 10.98 3.79
N ASP B 473 9.81 11.52 4.22
CA ASP B 473 9.42 11.45 5.60
C ASP B 473 7.90 11.25 5.64
N ARG B 474 7.32 10.99 6.82
CA ARG B 474 5.92 10.68 6.89
C ARG B 474 5.09 11.83 6.39
N LEU B 475 4.13 11.48 5.55
CA LEU B 475 3.28 12.41 4.86
C LEU B 475 2.47 13.33 5.77
N PHE B 476 2.22 12.97 7.03
CA PHE B 476 1.30 13.76 7.87
C PHE B 476 1.98 14.07 9.17
N SER B 477 1.61 15.13 9.86
CA SER B 477 2.27 15.39 11.11
C SER B 477 1.56 14.90 12.34
N VAL B 478 0.41 14.27 12.21
CA VAL B 478 -0.32 13.81 13.40
C VAL B 478 -0.45 12.29 13.28
N PRO B 479 -0.42 11.48 14.35
CA PRO B 479 -0.52 10.02 14.23
C PRO B 479 -1.76 9.49 13.56
N ASN B 480 -2.89 10.16 13.71
CA ASN B 480 -4.12 9.66 13.12
C ASN B 480 -4.68 10.81 12.31
N PRO B 481 -4.06 11.10 11.16
CA PRO B 481 -4.54 12.20 10.31
C PRO B 481 -5.97 12.01 9.82
N GLY B 482 -6.52 10.80 9.94
CA GLY B 482 -7.87 10.51 9.48
C GLY B 482 -8.89 11.12 10.41
N ALA B 483 -8.61 11.12 11.71
CA ALA B 483 -9.47 11.73 12.69
C ALA B 483 -9.39 13.26 12.72
N ALA B 484 -8.90 13.91 11.67
CA ALA B 484 -8.75 15.35 11.68
C ALA B 484 -9.85 16.01 10.86
N ASP B 485 -10.27 17.20 11.25
CA ASP B 485 -11.35 17.89 10.56
C ASP B 485 -11.07 18.16 9.10
N ASP B 486 -9.80 18.29 8.76
CA ASP B 486 -9.37 18.37 7.38
C ASP B 486 -7.97 17.80 7.38
N PHE B 487 -7.86 16.54 7.01
CA PHE B 487 -6.57 15.89 6.96
C PHE B 487 -5.60 16.59 6.01
N LEU B 488 -6.04 17.34 4.96
CA LEU B 488 -5.09 18.03 4.09
C LEU B 488 -4.28 19.07 4.84
N SER B 489 -4.91 19.86 5.71
CA SER B 489 -4.16 20.86 6.44
C SER B 489 -3.13 20.26 7.39
N VAL B 490 -3.11 18.93 7.55
CA VAL B 490 -2.18 18.31 8.45
C VAL B 490 -1.08 17.51 7.70
N ILE B 491 -0.88 17.85 6.42
CA ILE B 491 0.25 17.30 5.68
C ILE B 491 1.54 17.84 6.32
N ASN B 492 2.58 17.03 6.29
CA ASN B 492 3.90 17.40 6.76
C ASN B 492 4.62 18.14 5.63
N PRO B 493 5.04 19.40 5.80
CA PRO B 493 5.69 20.06 4.67
C PRO B 493 7.09 19.54 4.39
N GLU B 494 7.70 18.82 5.33
CA GLU B 494 8.98 18.22 5.04
C GLU B 494 8.82 16.74 4.71
N SER B 495 7.71 16.37 4.06
CA SER B 495 7.46 14.98 3.64
C SER B 495 8.53 14.55 2.64
N LEU B 496 9.01 15.48 1.81
CA LEU B 496 10.05 15.25 0.83
C LEU B 496 10.98 16.45 0.82
N VAL B 497 12.28 16.22 1.02
CA VAL B 497 13.29 17.27 0.89
C VAL B 497 14.39 16.76 -0.06
N ILE B 498 14.49 17.46 -1.19
CA ILE B 498 15.37 17.13 -2.30
C ILE B 498 16.77 17.71 -2.12
N LYS B 499 17.80 16.91 -2.16
CA LYS B 499 19.16 17.34 -2.00
C LYS B 499 19.91 17.09 -3.27
N GLN B 500 21.10 17.65 -3.40
CA GLN B 500 21.98 17.38 -4.52
C GLN B 500 23.25 16.98 -3.80
N GLY B 501 23.76 15.78 -4.09
CA GLY B 501 24.93 15.28 -3.41
C GLY B 501 25.83 14.62 -4.43
N PHE B 502 26.68 13.72 -3.96
CA PHE B 502 27.61 13.05 -4.84
C PHE B 502 27.75 11.61 -4.41
N ALA B 503 27.90 10.72 -5.37
CA ALA B 503 28.07 9.32 -5.05
C ALA B 503 29.26 8.71 -5.79
N GLU B 504 29.82 7.64 -5.23
CA GLU B 504 30.89 6.91 -5.90
C GLU B 504 30.41 6.50 -7.30
N PRO B 505 31.24 6.64 -8.34
CA PRO B 505 30.84 6.31 -9.72
C PRO B 505 30.27 4.90 -10.01
N SER B 506 30.45 3.87 -9.16
CA SER B 506 29.83 2.57 -9.42
C SER B 506 28.31 2.69 -9.44
N LEU B 507 27.74 3.63 -8.70
CA LEU B 507 26.30 3.79 -8.69
C LEU B 507 25.76 4.19 -10.05
N LYS B 508 26.62 4.37 -11.04
CA LYS B 508 26.24 4.56 -12.42
C LYS B 508 25.48 3.33 -12.94
N ASP B 509 25.73 2.15 -12.37
CA ASP B 509 25.05 0.96 -12.83
C ASP B 509 23.89 0.54 -11.94
N ALA B 510 23.32 1.46 -11.16
CA ALA B 510 22.18 1.11 -10.33
C ALA B 510 20.98 0.89 -11.23
N VAL B 511 20.31 -0.26 -11.06
CA VAL B 511 19.06 -0.51 -11.76
C VAL B 511 17.98 -0.05 -10.80
N ALA B 512 16.88 0.48 -11.34
CA ALA B 512 15.79 0.88 -10.47
C ALA B 512 15.27 -0.32 -9.70
N GLY B 513 15.04 -0.10 -8.43
CA GLY B 513 14.55 -1.17 -7.60
C GLY B 513 15.64 -2.14 -7.23
N LYS B 514 16.74 -1.63 -6.72
CA LYS B 514 17.76 -2.46 -6.15
C LYS B 514 18.23 -1.58 -5.01
N ALA B 515 17.93 -1.92 -3.77
CA ALA B 515 18.23 -1.03 -2.68
C ALA B 515 19.65 -1.14 -2.19
N PHE B 516 20.35 0.00 -2.27
CA PHE B 516 21.70 0.14 -1.78
C PHE B 516 21.65 0.66 -0.36
N GLN B 517 22.65 0.32 0.45
CA GLN B 517 22.76 0.97 1.75
C GLN B 517 23.85 2.03 1.57
N PHE B 518 23.52 3.32 1.58
CA PHE B 518 24.55 4.35 1.56
C PHE B 518 25.08 4.34 2.97
N GLU B 519 26.37 4.06 3.16
CA GLU B 519 26.92 3.87 4.49
C GLU B 519 26.68 5.09 5.36
N ARG B 520 26.28 4.82 6.59
CA ARG B 520 25.99 5.80 7.63
C ARG B 520 24.93 6.81 7.21
N GLU B 521 24.04 6.43 6.31
CA GLU B 521 22.90 7.26 5.96
C GLU B 521 21.72 6.31 5.94
N GLY B 522 21.22 5.85 4.81
CA GLY B 522 20.06 5.00 4.84
C GLY B 522 20.11 4.05 3.67
N TYR B 523 19.03 3.32 3.45
CA TYR B 523 18.97 2.45 2.32
C TYR B 523 18.32 3.30 1.24
N PHE B 524 18.85 3.37 0.03
CA PHE B 524 18.31 4.23 -1.01
C PHE B 524 18.13 3.38 -2.26
N CYS B 525 17.26 3.76 -3.18
CA CYS B 525 17.09 2.98 -4.39
C CYS B 525 16.86 3.95 -5.54
N LEU B 526 17.14 3.58 -6.78
CA LEU B 526 17.02 4.50 -7.88
C LEU B 526 15.54 4.69 -8.18
N ASP B 527 15.10 5.89 -8.48
CA ASP B 527 13.70 6.12 -8.77
C ASP B 527 13.45 6.08 -10.26
N SER B 528 13.14 4.95 -10.89
CA SER B 528 12.75 5.00 -12.30
C SER B 528 11.40 5.66 -12.38
N ARG B 529 11.47 6.89 -12.86
CA ARG B 529 10.41 7.87 -13.02
C ARG B 529 11.11 9.23 -13.10
N HIS B 530 12.27 9.37 -12.48
CA HIS B 530 12.98 10.62 -12.57
C HIS B 530 14.43 10.52 -12.96
N SER B 531 15.07 9.38 -12.70
CA SER B 531 16.48 9.29 -12.98
C SER B 531 16.73 9.16 -14.47
N THR B 532 17.92 9.58 -14.88
CA THR B 532 18.37 9.45 -16.24
C THR B 532 19.84 9.07 -16.10
N ALA B 533 20.64 9.31 -17.14
CA ALA B 533 22.07 9.09 -17.07
C ALA B 533 22.69 10.43 -16.69
N GLU B 534 23.88 10.43 -16.07
CA GLU B 534 24.54 11.60 -15.49
C GLU B 534 23.77 12.06 -14.27
N LYS B 535 22.46 12.35 -14.37
CA LYS B 535 21.71 12.73 -13.21
C LYS B 535 20.76 11.64 -12.70
N PRO B 536 21.22 10.81 -11.76
CA PRO B 536 20.34 9.80 -11.17
C PRO B 536 19.50 10.45 -10.08
N VAL B 537 18.45 9.77 -9.61
CA VAL B 537 17.60 10.28 -8.53
C VAL B 537 17.46 9.11 -7.58
N PHE B 538 17.91 9.26 -6.35
CA PHE B 538 17.84 8.20 -5.38
C PHE B 538 16.84 8.54 -4.31
N ASN B 539 15.90 7.62 -4.10
CA ASN B 539 14.87 7.79 -3.08
C ASN B 539 15.43 7.18 -1.84
N ARG B 540 15.23 7.80 -0.70
CA ARG B 540 15.63 7.12 0.51
C ARG B 540 14.44 6.27 0.94
N THR B 541 14.66 4.96 0.98
CA THR B 541 13.67 4.03 1.48
C THR B 541 13.46 4.30 2.96
N VAL B 542 14.55 4.17 3.72
CA VAL B 542 14.50 4.27 5.16
C VAL B 542 15.90 4.65 5.65
N GLY B 543 15.98 5.24 6.84
CA GLY B 543 17.26 5.66 7.37
C GLY B 543 17.74 4.58 8.33
N LEU B 544 19.04 4.64 8.68
CA LEU B 544 19.61 3.70 9.63
C LEU B 544 19.20 4.08 11.04
N ARG B 545 19.19 3.13 11.98
CA ARG B 545 18.80 3.41 13.34
C ARG B 545 19.77 4.39 14.01
N ASP B 546 19.42 5.68 13.97
CA ASP B 546 20.27 6.69 14.54
C ASP B 546 20.03 6.72 16.05
N THR B 547 20.91 6.07 16.82
CA THR B 547 20.70 6.05 18.25
C THR B 547 21.30 7.26 18.94
#